data_8Q2Q
#
_entry.id   8Q2Q
#
_cell.length_a   39.980
_cell.length_b   103.410
_cell.length_c   42.390
_cell.angle_alpha   90.000
_cell.angle_beta   106.000
_cell.angle_gamma   90.000
#
_symmetry.space_group_name_H-M   'P 1 21 1'
#
loop_
_entity.id
_entity.type
_entity.pdbx_description
1 polymer 'YTH domain-containing protein 1'
2 non-polymer 2-chloranyl-~{N},9-dimethyl-purin-6-amine
3 non-polymer 'SULFATE ION'
4 water water
#
_entity_poly.entity_id   1
_entity_poly.type   'polypeptide(L)'
_entity_poly.pdbx_seq_one_letter_code
;GTSKLKYVLQDARFFLIKSNNHENVSLAKAKGVWSTLPVNEKKLNLAFRSARSVILIFSVRESGKFQGFARLSSESHHGG
SPIHWVLPAGMSAKMLGGVFKIDWICRRELPFTKSAHLTNPWNEHKPVKIGRDGQEIELECGTQLCLLFPPDESIDLYQV
IHKMRH
;
_entity_poly.pdbx_strand_id   A,B
#
loop_
_chem_comp.id
_chem_comp.type
_chem_comp.name
_chem_comp.formula
IT6 non-polymer 2-chloranyl-~{N},9-dimethyl-purin-6-amine 'C7 H8 Cl N5'
SO4 non-polymer 'SULFATE ION' 'O4 S -2'
#
# COMPACT_ATOMS: atom_id res chain seq x y z
N GLY A 1 -15.54 4.02 14.35
CA GLY A 1 -15.59 5.01 15.40
C GLY A 1 -14.39 5.92 15.44
N THR A 2 -14.54 7.05 16.13
CA THR A 2 -13.49 8.04 16.24
C THR A 2 -13.12 8.36 17.68
N SER A 3 -13.64 7.63 18.67
CA SER A 3 -13.46 8.05 20.06
C SER A 3 -12.03 7.79 20.53
N LYS A 4 -11.48 6.62 20.24
CA LYS A 4 -10.09 6.36 20.61
C LYS A 4 -9.15 7.31 19.86
N LEU A 5 -9.44 7.60 18.59
CA LEU A 5 -8.65 8.58 17.84
C LEU A 5 -8.64 9.94 18.54
N LYS A 6 -9.81 10.42 18.94
CA LYS A 6 -9.90 11.71 19.63
C LYS A 6 -9.14 11.68 20.95
N TYR A 7 -9.15 10.53 21.64
CA TYR A 7 -8.41 10.41 22.89
C TYR A 7 -6.90 10.49 22.65
N VAL A 8 -6.42 9.88 21.57
CA VAL A 8 -4.99 9.92 21.26
C VAL A 8 -4.54 11.34 20.91
N LEU A 9 -5.40 12.11 20.24
CA LEU A 9 -5.09 13.47 19.82
C LEU A 9 -5.26 14.49 20.95
N GLN A 10 -5.82 14.07 22.08
CA GLN A 10 -6.07 14.99 23.18
C GLN A 10 -4.77 15.60 23.67
N ASP A 11 -4.66 16.93 23.62
CA ASP A 11 -3.49 17.66 24.09
C ASP A 11 -2.21 17.25 23.37
N ALA A 12 -2.34 16.64 22.20
CA ALA A 12 -1.18 16.28 21.41
C ALA A 12 -0.50 17.52 20.85
N ARG A 13 0.76 17.34 20.44
CA ARG A 13 1.43 18.28 19.56
C ARG A 13 1.57 17.71 18.16
N PHE A 14 1.59 18.60 17.16
CA PHE A 14 1.54 18.21 15.76
C PHE A 14 2.66 18.89 15.01
N PHE A 15 3.34 18.15 14.14
CA PHE A 15 4.40 18.70 13.29
C PHE A 15 4.18 18.25 11.86
N LEU A 16 4.34 19.18 10.93
CA LEU A 16 4.28 18.88 9.52
C LEU A 16 5.62 18.32 9.08
N ILE A 17 5.57 17.20 8.36
CA ILE A 17 6.77 16.58 7.80
C ILE A 17 6.65 16.72 6.29
N LYS A 18 7.66 17.31 5.65
CA LYS A 18 7.70 17.44 4.19
C LYS A 18 8.81 16.51 3.69
N SER A 19 8.42 15.46 2.96
CA SER A 19 9.38 14.53 2.39
C SER A 19 9.58 14.84 0.91
N ASN A 20 10.83 14.81 0.46
CA ASN A 20 11.11 15.16 -0.93
C ASN A 20 10.71 14.05 -1.91
N ASN A 21 10.48 12.84 -1.44
CA ASN A 21 10.11 11.73 -2.32
C ASN A 21 9.12 10.80 -1.62
N HIS A 22 8.45 9.99 -2.43
CA HIS A 22 7.48 9.03 -1.93
C HIS A 22 8.16 7.82 -1.30
N GLU A 23 9.34 7.45 -1.80
CA GLU A 23 10.02 6.24 -1.35
C GLU A 23 10.21 6.23 0.17
N ASN A 24 10.63 7.36 0.73
CA ASN A 24 10.92 7.37 2.16
C ASN A 24 9.66 7.30 2.99
N VAL A 25 8.57 7.92 2.52
CA VAL A 25 7.30 7.79 3.22
C VAL A 25 6.80 6.34 3.15
N SER A 26 6.98 5.70 2.00
CA SER A 26 6.61 4.29 1.90
C SER A 26 7.46 3.44 2.86
N LEU A 27 8.75 3.72 2.93
CA LEU A 27 9.62 2.99 3.85
C LEU A 27 9.19 3.22 5.30
N ALA A 28 8.78 4.45 5.63
CA ALA A 28 8.36 4.75 7.00
C ALA A 28 7.09 4.00 7.36
N LYS A 29 6.16 3.87 6.41
CA LYS A 29 4.94 3.11 6.63
C LYS A 29 5.24 1.63 6.85
N ALA A 30 6.24 1.10 6.14
CA ALA A 30 6.55 -0.32 6.22
C ALA A 30 7.30 -0.66 7.51
N LYS A 31 8.20 0.22 7.95
CA LYS A 31 9.13 -0.06 9.04
C LYS A 31 8.79 0.66 10.33
N GLY A 32 7.93 1.66 10.30
CA GLY A 32 7.56 2.34 11.54
C GLY A 32 8.67 3.21 12.09
N VAL A 33 9.38 3.91 11.20
CA VAL A 33 10.49 4.77 11.58
C VAL A 33 10.43 6.04 10.76
N TRP A 34 11.03 7.11 11.30
CA TRP A 34 11.24 8.33 10.55
C TRP A 34 12.56 8.97 10.98
N SER A 35 13.18 9.68 10.05
CA SER A 35 14.39 10.44 10.31
C SER A 35 14.26 11.79 9.63
N THR A 36 14.80 12.84 10.28
CA THR A 36 14.74 14.21 9.78
C THR A 36 16.11 14.88 9.94
N LEU A 37 16.20 16.15 9.51
CA LEU A 37 17.42 16.92 9.65
C LEU A 37 17.66 17.29 11.11
N PRO A 38 18.93 17.56 11.48
CA PRO A 38 19.25 17.79 12.90
C PRO A 38 18.46 18.89 13.58
N VAL A 39 18.12 19.98 12.89
CA VAL A 39 17.34 21.05 13.51
C VAL A 39 15.97 20.52 13.95
N ASN A 40 15.30 19.76 13.06
CA ASN A 40 14.01 19.20 13.43
C ASN A 40 14.14 18.02 14.37
N GLU A 41 15.23 17.27 14.25
CA GLU A 41 15.48 16.18 15.19
C GLU A 41 15.49 16.68 16.64
N LYS A 42 16.17 17.79 16.91
CA LYS A 42 16.19 18.35 18.27
C LYS A 42 14.80 18.77 18.72
N LYS A 43 14.04 19.42 17.83
CA LYS A 43 12.70 19.89 18.18
C LYS A 43 11.79 18.72 18.56
N LEU A 44 11.82 17.64 17.77
CA LEU A 44 10.96 16.50 18.06
C LEU A 44 11.35 15.78 19.34
N ASN A 45 12.65 15.75 19.67
CA ASN A 45 13.05 15.12 20.92
C ASN A 45 12.54 15.90 22.13
N LEU A 46 12.60 17.24 22.05
CA LEU A 46 12.02 18.08 23.10
C LEU A 46 10.51 17.86 23.22
N ALA A 47 9.82 17.80 22.10
CA ALA A 47 8.36 17.66 22.16
C ALA A 47 7.96 16.31 22.73
N PHE A 48 8.72 15.26 22.39
CA PHE A 48 8.37 13.92 22.85
C PHE A 48 8.29 13.87 24.37
N ARG A 49 9.16 14.61 25.06
CA ARG A 49 9.14 14.65 26.51
C ARG A 49 8.01 15.53 27.05
N SER A 50 7.48 16.43 26.24
CA SER A 50 6.61 17.52 26.67
C SER A 50 5.13 17.21 26.56
N ALA A 51 4.75 16.16 25.85
CA ALA A 51 3.35 16.00 25.50
C ALA A 51 2.98 14.52 25.55
N ARG A 52 1.70 14.26 25.80
CA ARG A 52 1.22 12.90 25.86
C ARG A 52 1.32 12.21 24.50
N SER A 53 1.19 12.96 23.41
CA SER A 53 1.35 12.42 22.05
C SER A 53 2.00 13.48 21.19
N VAL A 54 2.99 13.08 20.38
CA VAL A 54 3.53 13.92 19.32
C VAL A 54 3.16 13.29 17.99
N ILE A 55 2.48 14.05 17.14
CA ILE A 55 1.93 13.55 15.88
C ILE A 55 2.70 14.18 14.72
N LEU A 56 3.18 13.33 13.81
CA LEU A 56 3.78 13.75 12.56
C LEU A 56 2.76 13.59 11.45
N ILE A 57 2.54 14.65 10.69
CA ILE A 57 1.60 14.63 9.57
C ILE A 57 2.43 14.79 8.30
N PHE A 58 2.38 13.78 7.43
CA PHE A 58 3.33 13.65 6.33
C PHE A 58 2.76 14.21 5.03
N SER A 59 3.61 14.91 4.28
CA SER A 59 3.26 15.34 2.93
C SER A 59 4.49 15.24 2.04
N VAL A 60 4.35 14.49 0.95
CA VAL A 60 5.40 14.39 -0.08
C VAL A 60 5.32 15.62 -0.98
N ARG A 61 6.46 16.29 -1.18
CA ARG A 61 6.43 17.49 -2.00
C ARG A 61 6.00 17.21 -3.43
N GLU A 62 5.23 18.14 -3.99
CA GLU A 62 4.65 18.10 -5.33
C GLU A 62 3.49 17.12 -5.47
N SER A 63 3.12 16.40 -4.39
CA SER A 63 2.01 15.46 -4.49
C SER A 63 0.65 16.12 -4.30
N GLY A 64 0.60 17.31 -3.71
CA GLY A 64 -0.69 17.93 -3.47
C GLY A 64 -1.52 17.24 -2.43
N LYS A 65 -0.93 16.38 -1.61
CA LYS A 65 -1.67 15.61 -0.62
C LYS A 65 -0.83 15.42 0.62
N PHE A 66 -1.51 15.07 1.71
CA PHE A 66 -0.88 14.41 2.85
C PHE A 66 -1.01 12.90 2.68
N GLN A 67 -0.02 12.15 3.16
CA GLN A 67 0.00 10.70 3.00
C GLN A 67 -0.37 9.93 4.29
N GLY A 68 -0.62 10.63 5.39
CA GLY A 68 -1.06 10.01 6.62
C GLY A 68 -0.46 10.71 7.82
N PHE A 69 -0.67 10.10 9.01
CA PHE A 69 -0.08 10.65 10.22
C PHE A 69 0.21 9.53 11.22
N ALA A 70 1.17 9.81 12.10
CA ALA A 70 1.75 8.81 12.98
C ALA A 70 2.15 9.47 14.30
N ARG A 71 2.28 8.67 15.34
CA ARG A 71 2.66 9.15 16.67
C ARG A 71 4.07 8.69 17.00
N LEU A 72 4.92 9.61 17.46
CA LEU A 72 6.23 9.20 17.97
C LEU A 72 6.07 8.23 19.13
N SER A 73 6.80 7.12 19.09
CA SER A 73 6.87 6.20 20.22
C SER A 73 8.21 6.24 20.93
N SER A 74 9.18 7.00 20.43
CA SER A 74 10.48 7.14 21.05
C SER A 74 11.13 8.45 20.61
N GLU A 75 12.16 8.85 21.35
CA GLU A 75 13.10 9.86 20.88
C GLU A 75 14.00 9.26 19.80
N SER A 76 14.81 10.11 19.16
CA SER A 76 15.68 9.60 18.12
C SER A 76 16.80 8.77 18.73
N HIS A 77 17.24 7.75 17.99
CA HIS A 77 18.33 6.89 18.42
C HIS A 77 19.24 6.60 17.23
N HIS A 78 20.53 6.54 17.51
CA HIS A 78 21.53 6.28 16.49
C HIS A 78 22.16 4.93 16.78
N GLY A 79 22.83 4.39 15.77
CA GLY A 79 23.57 3.15 15.92
C GLY A 79 22.81 1.92 15.45
N GLY A 80 22.48 1.87 14.16
CA GLY A 80 21.60 0.84 13.65
C GLY A 80 21.86 0.57 12.18
N SER A 81 21.32 -0.56 11.72
CA SER A 81 21.31 -0.94 10.32
C SER A 81 20.76 0.21 9.49
N PRO A 82 21.54 0.78 8.59
CA PRO A 82 21.16 2.02 7.90
C PRO A 82 19.82 1.90 7.19
N ILE A 83 18.90 2.80 7.51
CA ILE A 83 17.65 2.85 6.78
C ILE A 83 17.94 3.37 5.39
N HIS A 84 17.54 2.60 4.38
CA HIS A 84 17.89 2.89 2.99
C HIS A 84 17.04 4.02 2.42
N TRP A 85 17.08 5.16 3.12
CA TRP A 85 16.40 6.35 2.62
C TRP A 85 16.93 6.70 1.24
N VAL A 86 16.04 7.17 0.36
CA VAL A 86 16.46 7.78 -0.88
C VAL A 86 16.84 9.24 -0.59
N LEU A 87 18.08 9.57 -0.85
CA LEU A 87 18.55 10.90 -0.48
C LEU A 87 18.38 11.83 -1.66
N PRO A 88 17.77 13.00 -1.48
CA PRO A 88 17.77 14.02 -2.52
C PRO A 88 19.12 14.73 -2.53
N ALA A 89 19.26 15.65 -3.49
CA ALA A 89 20.49 16.40 -3.63
C ALA A 89 20.77 17.23 -2.39
N GLY A 90 22.04 17.29 -1.99
CA GLY A 90 22.44 17.95 -0.76
C GLY A 90 22.13 17.18 0.51
N MET A 91 21.30 16.15 0.45
CA MET A 91 20.96 15.35 1.62
C MET A 91 21.91 14.18 1.75
N SER A 92 22.58 14.07 2.89
CA SER A 92 23.51 12.98 3.16
C SER A 92 22.91 12.01 4.17
N ALA A 93 23.53 10.83 4.25
CA ALA A 93 23.06 9.81 5.18
C ALA A 93 23.32 10.21 6.63
N LYS A 94 24.37 10.98 6.88
CA LYS A 94 24.65 11.41 8.25
C LYS A 94 23.61 12.39 8.76
N MET A 95 23.09 13.25 7.89
CA MET A 95 22.08 14.23 8.32
C MET A 95 20.77 13.57 8.73
N LEU A 96 20.51 12.33 8.30
CA LEU A 96 19.32 11.58 8.66
C LEU A 96 19.64 10.46 9.65
N GLY A 97 20.69 10.63 10.45
CA GLY A 97 21.18 9.53 11.27
C GLY A 97 20.29 9.15 12.43
N GLY A 98 19.54 10.11 12.98
CA GLY A 98 18.69 9.80 14.12
C GLY A 98 17.38 9.17 13.66
N VAL A 99 17.03 8.05 14.27
CA VAL A 99 15.85 7.28 13.87
C VAL A 99 14.82 7.34 14.99
N PHE A 100 13.63 7.86 14.67
CA PHE A 100 12.50 7.82 15.58
C PHE A 100 11.65 6.61 15.24
N LYS A 101 11.17 5.92 16.28
CA LYS A 101 10.13 4.93 16.07
C LYS A 101 8.79 5.64 16.09
N ILE A 102 7.88 5.19 15.23
CA ILE A 102 6.55 5.80 15.10
C ILE A 102 5.52 4.68 14.96
N ASP A 103 4.31 4.95 15.46
CA ASP A 103 3.15 4.10 15.27
C ASP A 103 2.19 4.84 14.36
N TRP A 104 1.91 4.27 13.21
CA TRP A 104 0.98 4.91 12.29
C TRP A 104 -0.42 4.93 12.86
N ILE A 105 -1.09 6.06 12.67
CA ILE A 105 -2.48 6.21 13.06
C ILE A 105 -3.38 6.16 11.84
N CYS A 106 -2.91 6.70 10.71
CA CYS A 106 -3.65 6.66 9.46
C CYS A 106 -2.64 6.60 8.33
N ARG A 107 -2.73 5.58 7.47
CA ARG A 107 -1.87 5.48 6.29
C ARG A 107 -2.59 5.91 5.02
N ARG A 108 -3.79 6.48 5.15
CA ARG A 108 -4.60 6.96 4.03
C ARG A 108 -4.22 8.39 3.69
N GLU A 109 -4.39 8.74 2.42
CA GLU A 109 -4.07 10.09 1.96
C GLU A 109 -5.24 11.05 2.13
N LEU A 110 -4.91 12.36 2.13
CA LEU A 110 -5.90 13.44 2.15
C LEU A 110 -5.43 14.53 1.20
N PRO A 111 -6.19 14.87 0.17
CA PRO A 111 -5.74 15.93 -0.74
C PRO A 111 -5.81 17.28 -0.07
N PHE A 112 -4.88 18.16 -0.46
CA PHE A 112 -4.86 19.53 0.06
C PHE A 112 -6.19 20.24 -0.20
N THR A 113 -6.93 19.86 -1.24
CA THR A 113 -8.20 20.51 -1.52
C THR A 113 -9.20 20.36 -0.36
N LYS A 114 -9.07 19.29 0.44
CA LYS A 114 -9.98 19.08 1.56
C LYS A 114 -9.54 19.79 2.84
N SER A 115 -8.34 20.36 2.89
CA SER A 115 -7.88 21.05 4.09
C SER A 115 -7.82 22.58 3.90
N ALA A 116 -8.43 23.09 2.83
CA ALA A 116 -8.33 24.50 2.47
C ALA A 116 -8.99 25.43 3.49
N HIS A 117 -9.86 24.91 4.33
CA HIS A 117 -10.51 25.70 5.37
C HIS A 117 -9.73 25.73 6.68
N LEU A 118 -8.57 25.08 6.75
CA LEU A 118 -7.78 25.05 7.98
C LEU A 118 -6.51 25.88 7.78
N THR A 119 -6.30 26.86 8.68
CA THR A 119 -5.07 27.66 8.69
C THR A 119 -4.33 27.41 9.99
N ASN A 120 -3.01 27.60 9.96
CA ASN A 120 -2.15 27.30 11.09
C ASN A 120 -1.70 28.60 11.73
N PRO A 121 -2.14 28.92 12.96
CA PRO A 121 -1.68 30.15 13.63
C PRO A 121 -0.17 30.22 13.79
N TRP A 122 0.53 29.09 13.88
CA TRP A 122 1.98 29.14 14.02
C TRP A 122 2.71 29.36 12.72
N ASN A 123 1.99 29.46 11.60
CA ASN A 123 2.58 29.85 10.33
C ASN A 123 1.75 30.95 9.70
N GLU A 124 1.54 32.03 10.44
CA GLU A 124 0.95 33.27 9.93
C GLU A 124 -0.46 33.04 9.36
N HIS A 125 -1.15 32.02 9.87
CA HIS A 125 -2.50 31.68 9.42
C HIS A 125 -2.55 31.34 7.94
N LYS A 126 -1.43 30.88 7.40
CA LYS A 126 -1.45 30.30 6.08
C LYS A 126 -2.17 28.95 6.10
N PRO A 127 -2.71 28.52 4.96
CA PRO A 127 -3.32 27.19 4.89
C PRO A 127 -2.35 26.13 5.43
N VAL A 128 -2.90 25.15 6.15
CA VAL A 128 -2.06 24.21 6.90
C VAL A 128 -1.16 23.39 5.97
N LYS A 129 -1.58 23.20 4.72
CA LYS A 129 -0.71 22.55 3.73
C LYS A 129 0.61 23.30 3.55
N ILE A 130 0.65 24.60 3.87
CA ILE A 130 1.86 25.39 3.65
C ILE A 130 2.76 25.31 4.88
N GLY A 131 4.01 24.96 4.68
CA GLY A 131 4.97 24.99 5.77
C GLY A 131 6.21 24.20 5.41
N ARG A 132 7.35 24.57 5.97
CA ARG A 132 8.54 23.77 5.74
C ARG A 132 8.53 22.53 6.63
N ASP A 133 9.38 21.57 6.29
CA ASP A 133 9.57 20.39 7.09
C ASP A 133 9.82 20.78 8.55
N GLY A 134 9.04 20.20 9.46
CA GLY A 134 9.17 20.46 10.87
C GLY A 134 8.29 21.55 11.43
N GLN A 135 7.51 22.25 10.59
CA GLN A 135 6.64 23.31 11.05
C GLN A 135 5.64 22.77 12.07
N GLU A 136 5.57 23.39 13.25
CA GLU A 136 4.58 22.96 14.23
C GLU A 136 3.20 23.47 13.86
N ILE A 137 2.20 22.62 14.08
CA ILE A 137 0.81 22.96 13.81
C ILE A 137 0.09 23.09 15.14
N GLU A 138 -0.57 24.24 15.33
CA GLU A 138 -1.29 24.52 16.56
C GLU A 138 -2.37 23.47 16.83
N LEU A 139 -2.65 23.24 18.13
CA LEU A 139 -3.47 22.11 18.59
C LEU A 139 -4.79 21.98 17.86
N GLU A 140 -5.59 23.06 17.79
CA GLU A 140 -6.93 22.90 17.23
C GLU A 140 -6.86 22.63 15.73
N CYS A 141 -5.97 23.32 15.03
CA CYS A 141 -5.80 23.09 13.59
C CYS A 141 -5.32 21.67 13.34
N GLY A 142 -4.34 21.21 14.12
CA GLY A 142 -3.83 19.86 13.92
C GLY A 142 -4.86 18.79 14.20
N THR A 143 -5.65 18.98 15.27
CA THR A 143 -6.72 18.05 15.58
C THR A 143 -7.73 17.96 14.44
N GLN A 144 -8.15 19.11 13.92
CA GLN A 144 -9.15 19.09 12.86
C GLN A 144 -8.57 18.48 11.58
N LEU A 145 -7.29 18.77 11.29
CA LEU A 145 -6.67 18.18 10.11
C LEU A 145 -6.66 16.66 10.21
N CYS A 146 -6.25 16.14 11.37
CA CYS A 146 -6.20 14.69 11.55
C CYS A 146 -7.58 14.06 11.42
N LEU A 147 -8.60 14.75 11.94
CA LEU A 147 -9.95 14.22 11.87
C LEU A 147 -10.52 14.23 10.45
N LEU A 148 -9.91 14.97 9.52
CA LEU A 148 -10.37 15.00 8.14
C LEU A 148 -9.95 13.77 7.35
N PHE A 149 -8.88 13.10 7.76
CA PHE A 149 -8.40 11.95 7.02
C PHE A 149 -9.48 10.88 7.00
N PRO A 150 -9.57 10.11 5.92
CA PRO A 150 -10.46 8.95 5.91
C PRO A 150 -10.06 8.01 7.03
N PRO A 151 -11.02 7.36 7.68
CA PRO A 151 -10.67 6.34 8.68
C PRO A 151 -9.81 5.24 8.07
N ASP A 152 -8.81 4.80 8.83
CA ASP A 152 -7.95 3.67 8.49
C ASP A 152 -8.38 2.48 9.34
N GLU A 153 -9.24 1.63 8.78
CA GLU A 153 -9.81 0.54 9.55
C GLU A 153 -8.83 -0.60 9.77
N SER A 154 -7.62 -0.53 9.19
CA SER A 154 -6.59 -1.53 9.45
C SER A 154 -5.88 -1.31 10.78
N ILE A 155 -6.09 -0.16 11.43
CA ILE A 155 -5.33 0.21 12.63
C ILE A 155 -6.18 0.07 13.88
N ASP A 156 -5.55 -0.42 14.96
CA ASP A 156 -6.16 -0.56 16.28
C ASP A 156 -5.34 0.30 17.23
N LEU A 157 -5.93 1.39 17.74
CA LEU A 157 -5.25 2.35 18.63
C LEU A 157 -5.13 1.88 20.06
N TYR A 158 -5.62 0.69 20.36
CA TYR A 158 -5.58 0.19 21.72
C TYR A 158 -4.14 0.17 22.25
N GLN A 159 -3.21 -0.35 21.43
CA GLN A 159 -1.80 -0.41 21.84
C GLN A 159 -1.18 0.99 21.92
N VAL A 160 -1.56 1.90 21.02
CA VAL A 160 -1.08 3.29 21.09
C VAL A 160 -1.50 3.95 22.40
N ILE A 161 -2.76 3.77 22.79
CA ILE A 161 -3.27 4.42 24.00
C ILE A 161 -2.46 3.99 25.22
N HIS A 162 -2.04 2.73 25.26
CA HIS A 162 -1.27 2.25 26.40
C HIS A 162 0.17 2.73 26.37
N LYS A 163 0.69 3.05 25.19
CA LYS A 163 2.00 3.68 25.11
C LYS A 163 1.98 5.09 25.72
N MET A 164 0.80 5.71 25.81
CA MET A 164 0.68 7.02 26.42
C MET A 164 0.94 6.90 27.93
N GLY B 1 -0.40 -18.82 10.59
CA GLY B 1 -0.92 -19.71 9.57
C GLY B 1 -0.40 -19.27 8.22
N THR B 2 0.51 -18.31 8.24
CA THR B 2 0.99 -17.67 7.03
C THR B 2 2.29 -18.25 6.50
N SER B 3 2.91 -19.21 7.21
CA SER B 3 4.20 -19.72 6.77
C SER B 3 4.13 -20.29 5.37
N LYS B 4 3.13 -21.12 5.07
CA LYS B 4 3.04 -21.69 3.74
C LYS B 4 2.85 -20.61 2.68
N LEU B 5 1.91 -19.70 2.90
CA LEU B 5 1.65 -18.71 1.86
C LEU B 5 2.86 -17.80 1.68
N LYS B 6 3.53 -17.43 2.76
CA LYS B 6 4.72 -16.59 2.63
C LYS B 6 5.81 -17.31 1.85
N TYR B 7 5.94 -18.63 2.05
CA TYR B 7 6.87 -19.42 1.25
C TYR B 7 6.52 -19.32 -0.24
N VAL B 8 5.24 -19.46 -0.58
CA VAL B 8 4.81 -19.41 -1.97
C VAL B 8 5.08 -18.04 -2.59
N LEU B 9 4.91 -16.97 -1.80
CA LEU B 9 5.02 -15.60 -2.30
C LEU B 9 6.44 -15.06 -2.27
N GLN B 10 7.39 -15.83 -1.74
CA GLN B 10 8.76 -15.37 -1.62
C GLN B 10 9.32 -15.11 -3.01
N ASP B 11 9.74 -13.88 -3.26
CA ASP B 11 10.39 -13.50 -4.51
C ASP B 11 9.44 -13.60 -5.70
N ALA B 12 8.14 -13.48 -5.48
CA ALA B 12 7.20 -13.55 -6.56
C ALA B 12 7.11 -12.20 -7.29
N ARG B 13 6.66 -12.27 -8.54
CA ARG B 13 6.14 -11.10 -9.24
C ARG B 13 4.61 -11.13 -9.23
N PHE B 14 4.01 -9.93 -9.17
CA PHE B 14 2.56 -9.76 -9.00
C PHE B 14 2.02 -8.88 -10.10
N PHE B 15 0.89 -9.28 -10.67
CA PHE B 15 0.22 -8.50 -11.71
C PHE B 15 -1.25 -8.37 -11.40
N LEU B 16 -1.76 -7.14 -11.50
CA LEU B 16 -3.19 -6.88 -11.35
C LEU B 16 -3.89 -7.31 -12.64
N ILE B 17 -4.98 -8.07 -12.50
CA ILE B 17 -5.82 -8.46 -13.63
C ILE B 17 -7.16 -7.74 -13.44
N LYS B 18 -7.58 -7.00 -14.47
CA LYS B 18 -8.88 -6.33 -14.46
C LYS B 18 -9.76 -7.00 -15.50
N SER B 19 -10.84 -7.63 -15.05
CA SER B 19 -11.76 -8.32 -15.93
C SER B 19 -12.98 -7.44 -16.16
N ASN B 20 -13.44 -7.39 -17.41
CA ASN B 20 -14.58 -6.54 -17.69
C ASN B 20 -15.91 -7.20 -17.33
N ASN B 21 -15.90 -8.49 -17.02
CA ASN B 21 -17.11 -9.18 -16.61
C ASN B 21 -16.82 -10.21 -15.53
N HIS B 22 -17.91 -10.63 -14.87
CA HIS B 22 -17.83 -11.68 -13.85
C HIS B 22 -17.75 -13.07 -14.44
N GLU B 23 -18.37 -13.29 -15.60
CA GLU B 23 -18.48 -14.64 -16.16
C GLU B 23 -17.11 -15.27 -16.41
N ASN B 24 -16.16 -14.49 -16.96
CA ASN B 24 -14.85 -15.06 -17.28
C ASN B 24 -14.06 -15.38 -16.03
N VAL B 25 -14.27 -14.64 -14.93
CA VAL B 25 -13.60 -14.99 -13.70
C VAL B 25 -14.20 -16.27 -13.10
N SER B 26 -15.53 -16.43 -13.21
CA SER B 26 -16.14 -17.67 -12.74
CA SER B 26 -16.16 -17.67 -12.75
C SER B 26 -15.62 -18.88 -13.53
N LEU B 27 -15.53 -18.74 -14.85
CA LEU B 27 -14.95 -19.79 -15.67
C LEU B 27 -13.52 -20.10 -15.23
N ALA B 28 -12.70 -19.05 -15.07
CA ALA B 28 -11.29 -19.23 -14.74
C ALA B 28 -11.11 -19.90 -13.39
N LYS B 29 -11.94 -19.50 -12.42
CA LYS B 29 -11.89 -20.10 -11.09
C LYS B 29 -12.11 -21.59 -11.10
N ALA B 30 -13.05 -22.06 -11.93
CA ALA B 30 -13.40 -23.47 -11.92
C ALA B 30 -12.40 -24.29 -12.73
N LYS B 31 -11.93 -23.74 -13.84
CA LYS B 31 -11.12 -24.50 -14.80
C LYS B 31 -9.62 -24.29 -14.62
N GLY B 32 -9.20 -23.23 -13.93
CA GLY B 32 -7.77 -23.02 -13.73
C GLY B 32 -7.06 -22.50 -14.96
N VAL B 33 -7.66 -21.55 -15.67
CA VAL B 33 -7.07 -20.97 -16.88
C VAL B 33 -7.33 -19.47 -16.87
N TRP B 34 -6.46 -18.73 -17.58
CA TRP B 34 -6.69 -17.32 -17.84
C TRP B 34 -6.10 -16.95 -19.20
N SER B 35 -6.70 -15.96 -19.84
CA SER B 35 -6.19 -15.37 -21.07
C SER B 35 -6.26 -13.86 -20.95
N THR B 36 -5.29 -13.18 -21.57
CA THR B 36 -5.23 -11.73 -21.59
C THR B 36 -4.88 -11.24 -22.99
N LEU B 37 -4.84 -9.92 -23.15
CA LEU B 37 -4.47 -9.28 -24.41
C LEU B 37 -2.98 -9.51 -24.72
N PRO B 38 -2.61 -9.39 -26.00
CA PRO B 38 -1.24 -9.77 -26.38
C PRO B 38 -0.14 -9.00 -25.66
N VAL B 39 -0.36 -7.73 -25.34
CA VAL B 39 0.66 -6.96 -24.62
C VAL B 39 0.94 -7.58 -23.25
N ASN B 40 -0.12 -7.83 -22.47
CA ASN B 40 0.05 -8.50 -21.19
C ASN B 40 0.51 -9.95 -21.33
N GLU B 41 0.05 -10.65 -22.35
CA GLU B 41 0.48 -12.03 -22.57
C GLU B 41 1.99 -12.12 -22.67
N LYS B 42 2.61 -11.21 -23.43
CA LYS B 42 4.07 -11.19 -23.51
C LYS B 42 4.70 -10.89 -22.15
N LYS B 43 4.15 -9.91 -21.43
CA LYS B 43 4.69 -9.56 -20.12
C LYS B 43 4.68 -10.75 -19.17
N LEU B 44 3.57 -11.49 -19.14
CA LEU B 44 3.44 -12.61 -18.20
C LEU B 44 4.34 -13.76 -18.61
N ASN B 45 4.50 -13.99 -19.91
CA ASN B 45 5.42 -15.03 -20.37
C ASN B 45 6.86 -14.72 -19.96
N LEU B 46 7.28 -13.46 -20.10
CA LEU B 46 8.62 -13.09 -19.65
C LEU B 46 8.80 -13.31 -18.16
N ALA B 47 7.83 -12.83 -17.36
CA ALA B 47 7.90 -13.02 -15.92
C ALA B 47 7.86 -14.50 -15.53
N PHE B 48 7.08 -15.32 -16.24
CA PHE B 48 7.00 -16.73 -15.88
C PHE B 48 8.37 -17.40 -15.98
N ARG B 49 9.09 -17.15 -17.07
CA ARG B 49 10.37 -17.80 -17.28
C ARG B 49 11.43 -17.31 -16.32
N SER B 50 11.31 -16.09 -15.80
CA SER B 50 12.37 -15.51 -14.97
C SER B 50 12.07 -15.52 -13.48
N ALA B 51 10.81 -15.56 -13.08
CA ALA B 51 10.43 -15.41 -11.68
C ALA B 51 10.11 -16.75 -11.03
N ARG B 52 10.35 -16.83 -9.71
CA ARG B 52 10.06 -18.04 -8.96
C ARG B 52 8.56 -18.35 -8.97
N SER B 53 7.74 -17.32 -8.82
CA SER B 53 6.29 -17.41 -8.95
C SER B 53 5.78 -16.15 -9.62
N VAL B 54 4.74 -16.30 -10.42
CA VAL B 54 4.01 -15.17 -10.99
C VAL B 54 2.56 -15.25 -10.49
N ILE B 55 2.14 -14.22 -9.77
CA ILE B 55 0.85 -14.17 -9.10
C ILE B 55 -0.04 -13.18 -9.83
N LEU B 56 -1.24 -13.61 -10.20
CA LEU B 56 -2.28 -12.76 -10.77
C LEU B 56 -3.30 -12.45 -9.68
N ILE B 57 -3.57 -11.16 -9.46
CA ILE B 57 -4.56 -10.72 -8.48
C ILE B 57 -5.71 -10.12 -9.27
N PHE B 58 -6.90 -10.73 -9.16
CA PHE B 58 -8.04 -10.45 -10.03
C PHE B 58 -9.01 -9.44 -9.43
N SER B 59 -9.46 -8.51 -10.28
CA SER B 59 -10.56 -7.61 -9.92
C SER B 59 -11.50 -7.41 -11.09
N VAL B 60 -12.76 -7.71 -10.88
CA VAL B 60 -13.79 -7.44 -11.88
C VAL B 60 -14.17 -5.97 -11.80
N ARG B 61 -14.12 -5.30 -12.93
CA ARG B 61 -14.38 -3.87 -12.95
C ARG B 61 -15.80 -3.56 -12.48
N GLU B 62 -15.91 -2.50 -11.69
CA GLU B 62 -17.12 -1.97 -11.06
C GLU B 62 -17.60 -2.82 -9.88
N SER B 63 -16.90 -3.91 -9.55
CA SER B 63 -17.31 -4.73 -8.42
C SER B 63 -16.88 -4.15 -7.08
N GLY B 64 -15.91 -3.24 -7.08
CA GLY B 64 -15.37 -2.72 -5.84
C GLY B 64 -14.58 -3.71 -5.01
N LYS B 65 -14.16 -4.82 -5.59
CA LYS B 65 -13.50 -5.88 -4.84
C LYS B 65 -12.47 -6.56 -5.74
N PHE B 66 -11.57 -7.28 -5.07
CA PHE B 66 -10.78 -8.33 -5.69
C PHE B 66 -11.51 -9.65 -5.49
N GLN B 67 -11.41 -10.53 -6.49
CA GLN B 67 -12.09 -11.82 -6.47
C GLN B 67 -11.19 -12.99 -6.12
N GLY B 68 -9.89 -12.76 -5.96
CA GLY B 68 -8.98 -13.82 -5.56
C GLY B 68 -7.64 -13.65 -6.23
N PHE B 69 -6.76 -14.63 -6.04
CA PHE B 69 -5.46 -14.57 -6.69
C PHE B 69 -4.98 -15.99 -7.00
N ALA B 70 -4.10 -16.08 -7.98
CA ALA B 70 -3.66 -17.35 -8.53
C ALA B 70 -2.20 -17.28 -8.95
N ARG B 71 -1.56 -18.44 -9.05
CA ARG B 71 -0.18 -18.55 -9.49
C ARG B 71 -0.12 -19.18 -10.88
N LEU B 72 0.59 -18.56 -11.82
CA LEU B 72 0.82 -19.20 -13.11
C LEU B 72 1.55 -20.53 -12.93
N SER B 73 1.07 -21.56 -13.63
CA SER B 73 1.80 -22.81 -13.69
C SER B 73 2.34 -23.10 -15.08
N SER B 74 2.06 -22.24 -16.06
CA SER B 74 2.57 -22.40 -17.41
C SER B 74 2.63 -21.05 -18.09
N GLU B 75 3.51 -20.95 -19.09
CA GLU B 75 3.41 -19.90 -20.09
C GLU B 75 2.11 -20.05 -20.88
N SER B 76 1.81 -19.05 -21.70
CA SER B 76 0.62 -19.13 -22.52
C SER B 76 0.82 -20.20 -23.59
N HIS B 77 -0.28 -20.84 -24.00
CA HIS B 77 -0.24 -21.84 -25.05
C HIS B 77 -1.46 -21.68 -25.94
N HIS B 78 -1.23 -21.78 -27.24
CA HIS B 78 -2.28 -21.66 -28.23
C HIS B 78 -2.59 -23.01 -28.87
N GLY B 79 -3.74 -23.08 -29.52
CA GLY B 79 -4.13 -24.28 -30.23
C GLY B 79 -4.61 -25.40 -29.33
N GLY B 80 -5.49 -25.08 -28.39
CA GLY B 80 -6.13 -26.09 -27.57
C GLY B 80 -7.64 -26.01 -27.72
N SER B 81 -8.38 -26.79 -26.94
CA SER B 81 -9.84 -26.70 -26.96
C SER B 81 -10.25 -25.28 -26.61
N PRO B 82 -10.99 -24.57 -27.47
CA PRO B 82 -11.29 -23.17 -27.22
C PRO B 82 -11.98 -22.97 -25.88
N ILE B 83 -11.45 -22.04 -25.09
CA ILE B 83 -12.15 -21.57 -23.91
C ILE B 83 -13.26 -20.62 -24.36
N HIS B 84 -14.47 -20.86 -23.88
CA HIS B 84 -15.64 -20.10 -24.32
C HIS B 84 -15.85 -18.85 -23.47
N TRP B 85 -14.87 -17.95 -23.51
CA TRP B 85 -15.01 -16.69 -22.79
C TRP B 85 -16.22 -15.91 -23.29
N VAL B 86 -16.91 -15.22 -22.38
CA VAL B 86 -17.81 -14.15 -22.78
C VAL B 86 -16.95 -12.95 -23.16
N LEU B 87 -17.01 -12.53 -24.43
CA LEU B 87 -16.06 -11.54 -24.93
C LEU B 87 -16.63 -10.13 -24.82
N PRO B 88 -15.92 -9.20 -24.20
CA PRO B 88 -16.40 -7.81 -24.13
C PRO B 88 -16.45 -7.18 -25.50
N ALA B 89 -17.06 -6.00 -25.56
CA ALA B 89 -17.12 -5.22 -26.79
C ALA B 89 -15.71 -4.90 -27.27
N GLY B 90 -15.45 -5.13 -28.56
CA GLY B 90 -14.16 -4.91 -29.15
C GLY B 90 -13.14 -5.97 -28.88
N MET B 91 -13.38 -6.84 -27.91
CA MET B 91 -12.46 -7.91 -27.55
C MET B 91 -12.81 -9.13 -28.40
N SER B 92 -11.79 -9.76 -28.96
CA SER B 92 -12.01 -10.86 -29.88
C SER B 92 -11.38 -12.15 -29.36
N ALA B 93 -11.69 -13.26 -30.03
CA ALA B 93 -11.21 -14.57 -29.60
C ALA B 93 -9.72 -14.73 -29.87
N LYS B 94 -9.23 -14.21 -31.00
CA LYS B 94 -7.80 -14.33 -31.30
C LYS B 94 -6.98 -13.45 -30.38
N MET B 95 -7.57 -12.35 -29.88
CA MET B 95 -6.86 -11.51 -28.92
C MET B 95 -6.64 -12.23 -27.60
N LEU B 96 -7.53 -13.16 -27.24
CA LEU B 96 -7.37 -14.02 -26.08
C LEU B 96 -6.80 -15.39 -26.44
N GLY B 97 -6.05 -15.48 -27.54
CA GLY B 97 -5.64 -16.78 -28.03
C GLY B 97 -4.78 -17.56 -27.05
N GLY B 98 -3.92 -16.87 -26.31
CA GLY B 98 -3.02 -17.55 -25.40
C GLY B 98 -3.72 -17.92 -24.10
N VAL B 99 -3.59 -19.19 -23.70
CA VAL B 99 -4.19 -19.70 -22.48
C VAL B 99 -3.08 -20.04 -21.50
N PHE B 100 -3.11 -19.37 -20.34
CA PHE B 100 -2.26 -19.73 -19.22
C PHE B 100 -2.97 -20.71 -18.29
N LYS B 101 -2.25 -21.72 -17.84
CA LYS B 101 -2.72 -22.54 -16.74
C LYS B 101 -2.38 -21.82 -15.43
N ILE B 102 -3.33 -21.83 -14.49
CA ILE B 102 -3.16 -21.16 -13.20
C ILE B 102 -3.66 -22.05 -12.09
N ASP B 103 -3.02 -21.93 -10.93
CA ASP B 103 -3.48 -22.60 -9.71
C ASP B 103 -3.99 -21.53 -8.75
N TRP B 104 -5.28 -21.58 -8.45
CA TRP B 104 -5.82 -20.59 -7.52
C TRP B 104 -5.28 -20.80 -6.12
N ILE B 105 -4.94 -19.69 -5.48
CA ILE B 105 -4.53 -19.70 -4.08
CA ILE B 105 -4.52 -19.67 -4.07
C ILE B 105 -5.65 -19.21 -3.17
N CYS B 106 -6.46 -18.27 -3.64
CA CYS B 106 -7.63 -17.85 -2.89
C CYS B 106 -8.68 -17.44 -3.89
N ARG B 107 -9.92 -17.90 -3.69
CA ARG B 107 -11.00 -17.56 -4.61
C ARG B 107 -12.06 -16.75 -3.87
N ARG B 108 -11.71 -16.25 -2.69
CA ARG B 108 -12.60 -15.43 -1.88
C ARG B 108 -12.37 -13.96 -2.17
N GLU B 109 -13.43 -13.17 -1.97
CA GLU B 109 -13.39 -11.74 -2.24
C GLU B 109 -12.62 -10.98 -1.16
N LEU B 110 -12.01 -9.88 -1.60
CA LEU B 110 -11.43 -8.88 -0.70
C LEU B 110 -11.96 -7.53 -1.18
N PRO B 111 -12.82 -6.86 -0.40
CA PRO B 111 -13.28 -5.53 -0.83
C PRO B 111 -12.15 -4.53 -0.79
N PHE B 112 -12.23 -3.54 -1.69
CA PHE B 112 -11.21 -2.49 -1.74
C PHE B 112 -11.12 -1.74 -0.42
N THR B 113 -12.22 -1.70 0.34
CA THR B 113 -12.20 -1.08 1.66
C THR B 113 -11.14 -1.67 2.58
N LYS B 114 -10.76 -2.92 2.36
CA LYS B 114 -9.79 -3.58 3.21
C LYS B 114 -8.36 -3.45 2.70
N SER B 115 -8.15 -2.87 1.52
CA SER B 115 -6.81 -2.67 0.98
C SER B 115 -6.48 -1.18 0.84
N ALA B 116 -7.28 -0.31 1.46
CA ALA B 116 -7.14 1.13 1.25
C ALA B 116 -5.81 1.68 1.77
N HIS B 117 -5.16 0.97 2.69
CA HIS B 117 -3.89 1.43 3.25
C HIS B 117 -2.69 1.03 2.39
N LEU B 118 -2.87 0.21 1.35
CA LEU B 118 -1.77 -0.28 0.54
C LEU B 118 -1.67 0.52 -0.76
N THR B 119 -0.47 1.01 -1.06
CA THR B 119 -0.19 1.75 -2.28
C THR B 119 0.91 1.06 -3.05
N ASN B 120 0.85 1.16 -4.39
CA ASN B 120 1.78 0.47 -5.27
C ASN B 120 2.88 1.42 -5.73
N PRO B 121 4.14 1.26 -5.29
CA PRO B 121 5.20 2.16 -5.76
CA PRO B 121 5.17 2.19 -5.75
C PRO B 121 5.43 2.15 -7.25
N TRP B 122 5.08 1.07 -7.94
CA TRP B 122 5.25 1.00 -9.38
C TRP B 122 4.05 1.55 -10.14
N ASN B 123 3.09 2.12 -9.44
CA ASN B 123 2.00 2.88 -10.05
C ASN B 123 1.81 4.21 -9.33
N GLU B 124 2.91 4.96 -9.20
CA GLU B 124 2.89 6.32 -8.66
C GLU B 124 2.40 6.37 -7.22
N HIS B 125 2.59 5.29 -6.46
CA HIS B 125 2.21 5.22 -5.05
C HIS B 125 0.72 5.43 -4.86
N LYS B 126 -0.08 5.05 -5.90
CA LYS B 126 -1.53 5.10 -5.82
C LYS B 126 -2.03 3.83 -5.11
N PRO B 127 -3.20 3.91 -4.46
CA PRO B 127 -3.81 2.70 -3.88
C PRO B 127 -3.81 1.55 -4.87
N VAL B 128 -3.46 0.36 -4.35
CA VAL B 128 -3.20 -0.80 -5.19
C VAL B 128 -4.42 -1.22 -6.01
N LYS B 129 -5.64 -0.91 -5.55
CA LYS B 129 -6.82 -1.21 -6.34
C LYS B 129 -6.83 -0.44 -7.66
N ILE B 130 -6.05 0.63 -7.77
CA ILE B 130 -6.03 1.46 -8.97
C ILE B 130 -4.98 0.92 -9.93
N GLY B 131 -5.40 0.60 -11.14
CA GLY B 131 -4.48 0.17 -12.16
C GLY B 131 -5.16 -0.44 -13.36
N ARG B 132 -4.47 -0.43 -14.49
CA ARG B 132 -4.97 -1.05 -15.69
C ARG B 132 -4.73 -2.57 -15.64
N ASP B 133 -5.44 -3.29 -16.50
CA ASP B 133 -5.17 -4.73 -16.65
C ASP B 133 -3.70 -4.95 -16.91
N GLY B 134 -3.09 -5.85 -16.14
CA GLY B 134 -1.69 -6.16 -16.30
C GLY B 134 -0.72 -5.29 -15.51
N GLN B 135 -1.20 -4.29 -14.76
CA GLN B 135 -0.31 -3.40 -14.02
C GLN B 135 0.52 -4.25 -13.05
N GLU B 136 1.84 -4.14 -13.11
CA GLU B 136 2.67 -4.89 -12.19
C GLU B 136 2.68 -4.25 -10.82
N ILE B 137 2.67 -5.08 -9.79
CA ILE B 137 2.61 -4.63 -8.41
C ILE B 137 3.95 -4.98 -7.75
N GLU B 138 4.59 -3.97 -7.15
CA GLU B 138 5.87 -4.17 -6.50
C GLU B 138 5.76 -5.24 -5.40
N LEU B 139 6.88 -5.92 -5.15
CA LEU B 139 6.93 -7.14 -4.34
C LEU B 139 6.24 -6.99 -2.98
N GLU B 140 6.64 -5.98 -2.19
CA GLU B 140 6.10 -5.91 -0.83
C GLU B 140 4.62 -5.56 -0.84
N CYS B 141 4.22 -4.64 -1.70
CA CYS B 141 2.81 -4.31 -1.85
C CYS B 141 2.00 -5.55 -2.21
N GLY B 142 2.47 -6.30 -3.21
CA GLY B 142 1.71 -7.45 -3.67
C GLY B 142 1.65 -8.53 -2.61
N THR B 143 2.75 -8.70 -1.87
CA THR B 143 2.76 -9.66 -0.78
C THR B 143 1.75 -9.29 0.30
N GLN B 144 1.73 -8.02 0.71
CA GLN B 144 0.79 -7.62 1.75
C GLN B 144 -0.66 -7.74 1.28
N LEU B 145 -0.92 -7.36 0.02
CA LEU B 145 -2.26 -7.51 -0.53
C LEU B 145 -2.72 -8.97 -0.49
N CYS B 146 -1.89 -9.89 -0.96
CA CYS B 146 -2.27 -11.30 -0.89
C CYS B 146 -2.54 -11.77 0.53
N LEU B 147 -1.76 -11.24 1.50
CA LEU B 147 -1.93 -11.66 2.89
C LEU B 147 -3.23 -11.14 3.49
N LEU B 148 -3.84 -10.13 2.87
CA LEU B 148 -5.12 -9.61 3.35
C LEU B 148 -6.30 -10.55 3.07
N PHE B 149 -6.20 -11.41 2.07
CA PHE B 149 -7.34 -12.22 1.69
C PHE B 149 -7.65 -13.23 2.80
N PRO B 150 -8.92 -13.58 2.99
CA PRO B 150 -9.26 -14.61 3.99
C PRO B 150 -8.77 -15.97 3.55
N PRO B 151 -8.59 -16.91 4.47
CA PRO B 151 -8.19 -18.25 4.05
C PRO B 151 -9.33 -18.91 3.29
N ASP B 152 -8.98 -19.70 2.28
CA ASP B 152 -9.93 -20.37 1.41
C ASP B 152 -9.89 -21.85 1.72
N GLU B 153 -10.97 -22.36 2.30
CA GLU B 153 -11.07 -23.76 2.72
C GLU B 153 -11.21 -24.72 1.54
N SER B 154 -11.47 -24.22 0.34
CA SER B 154 -11.59 -25.05 -0.85
C SER B 154 -10.25 -25.32 -1.49
N ILE B 155 -9.19 -24.64 -1.06
CA ILE B 155 -7.87 -24.68 -1.69
C ILE B 155 -6.90 -25.43 -0.79
N ASP B 156 -6.09 -26.30 -1.40
CA ASP B 156 -4.97 -26.96 -0.75
C ASP B 156 -3.69 -26.44 -1.40
N LEU B 157 -2.86 -25.72 -0.63
CA LEU B 157 -1.63 -25.18 -1.18
C LEU B 157 -0.59 -26.23 -1.51
N TYR B 158 -0.86 -27.49 -1.18
CA TYR B 158 0.18 -28.51 -1.29
C TYR B 158 0.63 -28.70 -2.74
N GLN B 159 -0.31 -28.68 -3.69
CA GLN B 159 0.07 -28.87 -5.08
C GLN B 159 0.98 -27.76 -5.57
N VAL B 160 0.66 -26.51 -5.22
CA VAL B 160 1.53 -25.40 -5.59
C VAL B 160 2.92 -25.60 -5.02
N ILE B 161 3.00 -25.86 -3.71
CA ILE B 161 4.29 -26.06 -3.06
C ILE B 161 5.03 -27.23 -3.70
N HIS B 162 4.32 -28.34 -3.95
CA HIS B 162 4.93 -29.52 -4.56
C HIS B 162 5.47 -29.24 -5.96
N LYS B 163 4.91 -28.28 -6.67
CA LYS B 163 5.56 -27.75 -7.88
C LYS B 163 6.80 -26.94 -7.49
N MET B 164 6.78 -25.63 -7.77
CA MET B 164 7.81 -24.67 -7.32
C MET B 164 9.26 -25.17 -7.25
C01 IT6 C . 13.70 10.32 5.72
C03 IT6 C . 13.44 12.60 4.71
C04 IT6 C . 13.35 14.13 4.94
C06 IT6 C . 13.25 16.18 5.67
C08 IT6 C . 13.03 17.39 3.48
C09 IT6 C . 13.23 14.98 3.89
C11 IT6 C . 13.25 13.05 2.27
N02 IT6 C . 13.58 11.76 5.86
N05 IT6 C . 13.37 14.88 6.04
N07 IT6 C . 13.16 16.23 4.32
N10 IT6 C . 13.17 14.47 2.49
N13 IT6 C . 13.38 12.11 3.36
CL12 IT6 C . 13.16 12.55 0.55
S SO4 D . -13.99 3.64 19.01
O1 SO4 D . -14.25 2.60 20.01
O2 SO4 D . -12.61 4.07 19.22
O3 SO4 D . -14.13 3.18 17.64
O4 SO4 D . -14.89 4.78 19.19
S SO4 E . 12.33 22.24 3.80
O1 SO4 E . 13.13 22.16 5.02
O2 SO4 E . 12.71 21.07 3.00
O3 SO4 E . 10.88 22.12 4.05
O4 SO4 E . 12.59 23.45 3.04
S SO4 F . 21.43 7.73 20.87
O1 SO4 F . 22.48 7.69 21.90
O2 SO4 F . 22.04 7.53 19.56
O3 SO4 F . 20.45 6.67 21.19
O4 SO4 F . 20.82 9.06 20.84
C01 IT6 G . -10.50 -13.77 -20.31
C03 IT6 G . -10.50 -11.28 -20.08
C04 IT6 G . -9.71 -9.97 -20.02
C06 IT6 G . -8.25 -8.36 -19.98
C08 IT6 G . -9.78 -6.39 -19.66
C09 IT6 G . -10.36 -8.79 -19.85
C11 IT6 G . -12.56 -9.97 -19.78
N02 IT6 G . -9.78 -12.50 -20.27
N05 IT6 G . -8.39 -9.70 -20.10
N07 IT6 G . -9.46 -7.80 -19.83
N10 IT6 G . -11.84 -8.72 -19.72
N13 IT6 G . -11.91 -11.23 -19.97
CL12 IT6 G . -14.32 -9.90 -19.63
S SO4 H . -16.46 -15.31 -0.55
O1 SO4 H . -15.69 -15.08 0.66
O2 SO4 H . -16.33 -16.70 -1.01
O3 SO4 H . -15.97 -14.43 -1.60
O4 SO4 H . -17.87 -15.04 -0.28
S SO4 I . -7.38 -2.20 -19.83
O1 SO4 I . -6.87 -1.84 -18.50
O2 SO4 I . -6.31 -2.82 -20.60
O3 SO4 I . -8.51 -3.13 -19.74
O4 SO4 I . -7.78 -0.98 -20.56
S SO4 J . -1.06 -24.86 8.05
O1 SO4 J . -1.40 -26.06 8.82
O2 SO4 J . 0.39 -24.83 7.82
O3 SO4 J . -1.43 -23.67 8.81
O4 SO4 J . -1.78 -24.88 6.78
S SO4 K . 2.77 -22.54 -28.01
O1 SO4 K . 3.32 -23.40 -26.97
O2 SO4 K . 2.98 -21.14 -27.69
O3 SO4 K . 1.34 -22.80 -28.16
O4 SO4 K . 3.44 -22.87 -29.27
S SO4 L . -11.16 -8.88 9.53
O1 SO4 L . -10.14 -8.52 10.52
O2 SO4 L . -11.23 -10.33 9.36
O3 SO4 L . -10.81 -8.27 8.24
O4 SO4 L . -12.47 -8.39 9.97
#